data_9JD4
#
_entry.id   9JD4
#
_cell.length_a   1.00
_cell.length_b   1.00
_cell.length_c   1.00
_cell.angle_alpha   90.00
_cell.angle_beta   90.00
_cell.angle_gamma   90.00
#
_symmetry.space_group_name_H-M   'P 1'
#
loop_
_entity.id
_entity.type
_entity.pdbx_description
1 polymer 'Sodium- and chloride-dependent taurine transporter'
2 non-polymer 'GAMMA-AMINO-BUTANOIC ACID'
3 non-polymer N-OCTANE
4 non-polymer DODECANE
5 non-polymer HEXANE
6 non-polymer 'CHLORIDE ION'
7 non-polymer 'SODIUM ION'
8 non-polymer 2-acetamido-2-deoxy-beta-D-glucopyranose
#
_entity_poly.entity_id   1
_entity_poly.type   'polypeptide(L)'
_entity_poly.pdbx_seq_one_letter_code
;MATKEKLQCLKDFHKDILKPSPGKSPGTRPEDEAEGKPPQREKWSSKIDFVLSVAGGFVGLGNVWRFPYLCYKNGGGAFL
IPYFIFLFGSGLPVFFLEIIIGQYTSEGGITCWEKICPLFSGIGYASVVIVSLLNVYYIVILAWATYYLFQSFQKELPWA
HCNHSWNTPHCMEDTMRKNKSVWITISSTNFTSPVIEFWERNVLSLSPGIDHPGSLKWDLALCLLLVWLVCFFCIWKGVR
STGKVVYFTATFPFAMLLVLLVRGLTLPGAGAGIKFYLYPDITRLEDPQVWIDAGTQIFFSYAICLGAMTSLGSYNKYKY
NSYRDCMLLGCLNSGTSFVSGFAIFSILGFMAQEQGVDIADVAESGPGLAFIAYPKAVTMMPLPTFWSILFFIMLLLLGL
DSQFVEVEGQITSLVDLYPSFLRKGYRREIFIAFVCSISYLLGLTMVTEGGMYVFQLFDYYAASGVCLLWVAFFECFVIA
WIYGGDNLYDGIEDMIGYRPGPWMKYSWAVITPVLCVGCFIFSLVKYVPLTYNKTYVYPNWAIGLGWSLALSSMLCVPLV
IVIRLCQTEGPFLVRVKYLLTPREPNRWAVEREGATPYNSRTVMNGALVKPTHIIVETMM
;
_entity_poly.pdbx_strand_id   A
#
loop_
_chem_comp.id
_chem_comp.type
_chem_comp.name
_chem_comp.formula
ABU non-polymer 'GAMMA-AMINO-BUTANOIC ACID' 'C4 H9 N O2'
CL non-polymer 'CHLORIDE ION' 'Cl -1'
D12 non-polymer DODECANE 'C12 H26'
HEX non-polymer HEXANE 'C6 H14'
NA non-polymer 'SODIUM ION' 'Na 1'
NAG D-saccharide, beta linking 2-acetamido-2-deoxy-beta-D-glucopyranose 'C8 H15 N O6'
OCT non-polymer N-OCTANE 'C8 H18'
#
# COMPACT_ATOMS: atom_id res chain seq x y z
N PRO A 39 -19.37 9.63 -23.01
CA PRO A 39 -20.49 10.50 -22.61
C PRO A 39 -20.90 10.29 -21.15
N GLN A 40 -21.40 9.10 -20.85
CA GLN A 40 -21.82 8.75 -19.50
C GLN A 40 -20.89 7.69 -18.94
N ARG A 41 -20.36 7.96 -17.74
CA ARG A 41 -19.46 7.02 -17.09
C ARG A 41 -20.22 5.74 -16.73
N GLU A 42 -19.62 4.59 -17.03
CA GLU A 42 -20.27 3.32 -16.75
C GLU A 42 -20.34 3.07 -15.25
N LYS A 43 -21.52 2.73 -14.75
CA LYS A 43 -21.77 2.56 -13.33
C LYS A 43 -21.63 1.09 -12.93
N TRP A 44 -21.54 0.86 -11.63
CA TRP A 44 -21.50 -0.51 -11.12
C TRP A 44 -22.82 -1.22 -11.39
N SER A 45 -22.73 -2.53 -11.65
CA SER A 45 -23.93 -3.32 -11.84
C SER A 45 -24.78 -3.35 -10.58
N SER A 46 -24.15 -3.46 -9.42
CA SER A 46 -24.84 -3.46 -8.14
C SER A 46 -23.84 -3.11 -7.05
N LYS A 47 -24.36 -2.85 -5.85
CA LYS A 47 -23.50 -2.54 -4.72
C LYS A 47 -22.56 -3.69 -4.41
N ILE A 48 -22.97 -4.93 -4.71
CA ILE A 48 -22.12 -6.08 -4.46
C ILE A 48 -20.84 -5.97 -5.27
N ASP A 49 -20.96 -5.56 -6.54
CA ASP A 49 -19.78 -5.39 -7.37
C ASP A 49 -18.82 -4.36 -6.77
N PHE A 50 -19.38 -3.23 -6.32
CA PHE A 50 -18.54 -2.19 -5.71
C PHE A 50 -17.83 -2.72 -4.47
N VAL A 51 -18.57 -3.40 -3.60
CA VAL A 51 -17.99 -3.89 -2.35
C VAL A 51 -16.87 -4.88 -2.64
N LEU A 52 -17.15 -5.88 -3.48
CA LEU A 52 -16.13 -6.89 -3.78
C LEU A 52 -14.92 -6.28 -4.46
N SER A 53 -15.14 -5.40 -5.43
CA SER A 53 -14.01 -4.80 -6.14
C SER A 53 -13.14 -3.97 -5.20
N VAL A 54 -13.75 -3.12 -4.38
CA VAL A 54 -12.97 -2.27 -3.49
C VAL A 54 -12.28 -3.09 -2.42
N ALA A 55 -12.98 -4.08 -1.86
CA ALA A 55 -12.42 -4.91 -0.80
C ALA A 55 -11.24 -5.73 -1.31
N GLY A 56 -11.36 -6.29 -2.52
CA GLY A 56 -10.20 -6.88 -3.13
C GLY A 56 -9.16 -5.87 -3.54
N GLY A 57 -9.53 -4.61 -3.68
CA GLY A 57 -8.61 -3.56 -4.05
C GLY A 57 -7.65 -3.15 -2.96
N PHE A 58 -8.15 -2.71 -1.80
CA PHE A 58 -7.24 -2.16 -0.80
C PHE A 58 -6.89 -3.16 0.29
N VAL A 59 -7.30 -4.42 0.15
CA VAL A 59 -6.95 -5.47 1.10
C VAL A 59 -6.02 -6.41 0.35
N GLY A 60 -4.72 -6.19 0.48
CA GLY A 60 -3.73 -6.97 -0.25
C GLY A 60 -2.42 -7.11 0.49
N LEU A 61 -1.31 -6.89 -0.20
CA LEU A 61 0.00 -7.03 0.40
C LEU A 61 0.31 -5.91 1.40
N GLY A 62 -0.49 -4.85 1.43
CA GLY A 62 -0.32 -3.86 2.47
C GLY A 62 -0.78 -4.31 3.83
N ASN A 63 -1.49 -5.42 3.91
CA ASN A 63 -1.99 -5.98 5.15
C ASN A 63 -1.16 -7.16 5.65
N VAL A 64 -0.99 -8.19 4.81
CA VAL A 64 -0.30 -9.40 5.24
C VAL A 64 1.21 -9.29 5.09
N TRP A 65 1.72 -8.27 4.43
CA TRP A 65 3.15 -8.13 4.22
C TRP A 65 3.73 -6.88 4.86
N ARG A 66 3.18 -5.70 4.57
CA ARG A 66 3.80 -4.47 5.06
C ARG A 66 3.58 -4.27 6.55
N PHE A 67 2.34 -4.45 7.01
CA PHE A 67 2.05 -4.29 8.44
C PHE A 67 2.91 -5.17 9.33
N PRO A 68 3.15 -6.45 9.02
CA PRO A 68 4.05 -7.24 9.88
C PRO A 68 5.41 -6.62 10.10
N TYR A 69 6.18 -6.32 9.04
CA TYR A 69 7.53 -5.85 9.34
C TYR A 69 7.53 -4.40 9.76
N LEU A 70 6.46 -3.65 9.46
CA LEU A 70 6.40 -2.28 9.94
C LEU A 70 6.14 -2.26 11.44
N CYS A 71 5.35 -3.21 11.94
CA CYS A 71 5.19 -3.35 13.39
C CYS A 71 6.46 -3.90 14.01
N TYR A 72 7.08 -4.89 13.36
CA TYR A 72 8.29 -5.51 13.89
C TYR A 72 9.44 -4.51 13.96
N LYS A 73 9.61 -3.71 12.92
CA LYS A 73 10.71 -2.74 12.87
C LYS A 73 10.57 -1.68 13.94
N ASN A 74 9.34 -1.18 14.16
CA ASN A 74 9.07 -0.19 15.19
C ASN A 74 8.76 -0.88 16.52
N GLY A 75 9.73 -1.64 17.00
CA GLY A 75 9.57 -2.36 18.25
C GLY A 75 8.42 -3.34 18.18
N GLY A 76 7.54 -3.30 19.17
CA GLY A 76 6.41 -4.20 19.21
C GLY A 76 5.06 -3.52 19.15
N GLY A 77 4.36 -3.50 20.29
CA GLY A 77 3.05 -2.90 20.36
C GLY A 77 3.03 -1.39 20.36
N ALA A 78 4.19 -0.74 20.51
CA ALA A 78 4.27 0.71 20.39
C ALA A 78 3.89 1.19 19.01
N PHE A 79 3.88 0.31 18.01
CA PHE A 79 3.39 0.64 16.69
C PHE A 79 1.88 0.75 16.66
N LEU A 80 1.18 0.08 17.57
CA LEU A 80 -0.28 0.04 17.52
C LEU A 80 -0.90 1.33 18.04
N ILE A 81 -0.27 1.99 19.01
CA ILE A 81 -0.85 3.20 19.58
C ILE A 81 -1.04 4.31 18.55
N PRO A 82 -0.05 4.64 17.72
CA PRO A 82 -0.34 5.60 16.64
C PRO A 82 -1.23 5.01 15.58
N TYR A 83 -0.98 3.76 15.20
CA TYR A 83 -1.74 3.10 14.14
C TYR A 83 -3.23 3.34 14.31
N PHE A 84 -3.81 2.83 15.40
CA PHE A 84 -5.24 2.96 15.62
C PHE A 84 -5.66 4.42 15.64
N ILE A 85 -4.87 5.30 16.25
CA ILE A 85 -5.22 6.71 16.27
C ILE A 85 -5.40 7.21 14.85
N PHE A 86 -4.40 6.95 14.00
CA PHE A 86 -4.54 7.35 12.60
C PHE A 86 -5.73 6.66 11.97
N LEU A 87 -5.93 5.37 12.30
CA LEU A 87 -7.06 4.64 11.76
C LEU A 87 -8.37 5.32 12.11
N PHE A 88 -8.46 5.90 13.32
CA PHE A 88 -9.67 6.62 13.68
C PHE A 88 -9.52 8.13 13.52
N GLY A 89 -8.33 8.60 13.13
CA GLY A 89 -8.13 10.02 12.98
C GLY A 89 -8.03 10.43 11.52
N SER A 90 -7.37 9.61 10.71
CA SER A 90 -7.18 9.92 9.30
C SER A 90 -7.39 8.76 8.35
N GLY A 91 -7.43 7.52 8.83
CA GLY A 91 -7.61 6.42 7.91
C GLY A 91 -9.02 6.33 7.37
N LEU A 92 -9.96 5.97 8.24
CA LEU A 92 -11.35 5.90 7.83
C LEU A 92 -11.90 7.23 7.34
N PRO A 93 -11.66 8.38 7.99
CA PRO A 93 -12.23 9.63 7.48
C PRO A 93 -11.73 10.01 6.10
N VAL A 94 -10.43 9.93 5.84
CA VAL A 94 -9.94 10.29 4.52
C VAL A 94 -10.36 9.26 3.48
N PHE A 95 -10.41 7.98 3.86
CA PHE A 95 -10.87 6.96 2.92
C PHE A 95 -12.31 7.23 2.50
N PHE A 96 -13.19 7.48 3.47
CA PHE A 96 -14.57 7.81 3.14
C PHE A 96 -14.67 9.14 2.40
N LEU A 97 -13.80 10.09 2.71
CA LEU A 97 -13.80 11.36 1.97
C LEU A 97 -13.48 11.14 0.51
N GLU A 98 -12.47 10.31 0.22
CA GLU A 98 -12.14 10.03 -1.17
C GLU A 98 -13.29 9.33 -1.87
N ILE A 99 -13.89 8.34 -1.21
CA ILE A 99 -15.02 7.64 -1.81
C ILE A 99 -16.17 8.59 -2.07
N ILE A 100 -16.45 9.48 -1.12
CA ILE A 100 -17.60 10.36 -1.26
C ILE A 100 -17.35 11.46 -2.29
N ILE A 101 -16.10 11.91 -2.45
CA ILE A 101 -15.79 12.84 -3.53
C ILE A 101 -15.97 12.15 -4.87
N GLY A 102 -15.48 10.91 -4.99
CA GLY A 102 -15.68 10.18 -6.23
C GLY A 102 -17.15 9.99 -6.56
N GLN A 103 -17.98 9.76 -5.54
CA GLN A 103 -19.41 9.62 -5.77
C GLN A 103 -20.06 10.96 -6.09
N TYR A 104 -19.58 12.04 -5.47
CA TYR A 104 -20.20 13.36 -5.63
C TYR A 104 -19.89 13.96 -6.99
N THR A 105 -18.66 13.83 -7.47
CA THR A 105 -18.27 14.41 -8.74
C THR A 105 -18.33 13.42 -9.90
N SER A 106 -18.40 12.12 -9.61
CA SER A 106 -18.47 11.09 -10.64
C SER A 106 -17.33 11.21 -11.65
N GLU A 107 -16.13 11.51 -11.14
CA GLU A 107 -14.95 11.62 -11.97
C GLU A 107 -13.77 10.93 -11.29
N GLY A 108 -12.70 10.75 -12.06
CA GLY A 108 -11.53 10.06 -11.57
C GLY A 108 -10.75 10.85 -10.54
N GLY A 109 -9.48 10.49 -10.34
CA GLY A 109 -8.70 11.16 -9.31
C GLY A 109 -8.30 12.57 -9.69
N ILE A 110 -8.33 12.89 -10.98
CA ILE A 110 -7.82 14.16 -11.46
C ILE A 110 -8.93 15.21 -11.58
N THR A 111 -9.93 14.95 -12.43
CA THR A 111 -10.96 15.94 -12.69
C THR A 111 -11.86 16.17 -11.47
N CYS A 112 -11.87 15.22 -10.53
CA CYS A 112 -12.65 15.43 -9.31
C CYS A 112 -12.16 16.66 -8.55
N TRP A 113 -10.84 16.82 -8.46
CA TRP A 113 -10.30 18.01 -7.82
C TRP A 113 -10.64 19.27 -8.60
N GLU A 114 -10.57 19.20 -9.94
CA GLU A 114 -10.92 20.36 -10.75
C GLU A 114 -12.38 20.76 -10.52
N LYS A 115 -13.25 19.79 -10.24
CA LYS A 115 -14.61 20.12 -9.85
C LYS A 115 -14.65 20.73 -8.45
N ILE A 116 -13.94 20.12 -7.49
CA ILE A 116 -13.97 20.60 -6.12
C ILE A 116 -13.25 21.94 -6.00
N CYS A 117 -12.06 22.04 -6.58
CA CYS A 117 -11.29 23.28 -6.51
C CYS A 117 -10.31 23.33 -7.67
N PRO A 118 -10.48 24.27 -8.61
CA PRO A 118 -9.52 24.37 -9.72
C PRO A 118 -8.09 24.55 -9.26
N LEU A 119 -7.87 25.45 -8.29
CA LEU A 119 -6.57 25.51 -7.64
C LEU A 119 -6.38 24.25 -6.79
N PHE A 120 -5.13 23.98 -6.44
CA PHE A 120 -4.75 22.76 -5.72
C PHE A 120 -5.06 21.51 -6.52
N SER A 121 -5.27 21.64 -7.83
CA SER A 121 -5.50 20.49 -8.69
C SER A 121 -4.31 19.55 -8.72
N GLY A 122 -3.11 20.06 -8.49
CA GLY A 122 -1.92 19.23 -8.51
C GLY A 122 -1.97 18.05 -7.59
N ILE A 123 -2.78 18.13 -6.52
CA ILE A 123 -2.99 16.97 -5.67
C ILE A 123 -3.25 15.74 -6.51
N GLY A 124 -4.20 15.82 -7.45
CA GLY A 124 -4.45 14.69 -8.32
C GLY A 124 -3.21 14.23 -9.04
N TYR A 125 -2.51 15.16 -9.70
CA TYR A 125 -1.25 14.81 -10.35
C TYR A 125 -0.29 14.17 -9.36
N ALA A 126 -0.18 14.74 -8.16
CA ALA A 126 0.67 14.13 -7.15
C ALA A 126 0.31 12.68 -6.96
N SER A 127 -0.99 12.39 -6.75
CA SER A 127 -1.42 11.02 -6.56
C SER A 127 -0.96 10.15 -7.72
N VAL A 128 -1.15 10.65 -8.96
CA VAL A 128 -0.74 9.87 -10.12
C VAL A 128 0.73 9.51 -10.01
N VAL A 129 1.59 10.50 -9.75
CA VAL A 129 3.00 10.19 -9.61
C VAL A 129 3.19 9.12 -8.55
N ILE A 130 2.55 9.32 -7.39
CA ILE A 130 2.68 8.33 -6.31
C ILE A 130 2.31 6.96 -6.84
N VAL A 131 1.12 6.84 -7.43
CA VAL A 131 0.68 5.50 -7.80
C VAL A 131 1.60 4.92 -8.85
N SER A 132 2.10 5.77 -9.75
CA SER A 132 3.04 5.28 -10.75
C SER A 132 4.24 4.64 -10.06
N LEU A 133 4.86 5.37 -9.14
CA LEU A 133 6.00 4.81 -8.43
C LEU A 133 5.60 3.57 -7.67
N LEU A 134 4.40 3.56 -7.08
CA LEU A 134 3.93 2.38 -6.39
C LEU A 134 3.90 1.19 -7.32
N ASN A 135 3.34 1.38 -8.51
CA ASN A 135 3.23 0.27 -9.46
C ASN A 135 4.61 -0.25 -9.85
N VAL A 136 5.64 0.57 -9.67
CA VAL A 136 6.99 0.13 -10.02
C VAL A 136 7.47 -0.91 -9.02
N TYR A 137 7.24 -0.69 -7.72
CA TYR A 137 7.87 -1.58 -6.75
C TYR A 137 6.89 -2.52 -6.08
N TYR A 138 5.59 -2.25 -6.17
CA TYR A 138 4.61 -3.17 -5.60
C TYR A 138 4.68 -4.53 -6.27
N ILE A 139 4.66 -4.53 -7.61
CA ILE A 139 4.73 -5.76 -8.37
C ILE A 139 6.00 -6.56 -8.08
N VAL A 140 7.09 -5.89 -7.70
CA VAL A 140 8.31 -6.60 -7.36
C VAL A 140 8.04 -7.60 -6.25
N ILE A 141 7.23 -7.22 -5.25
CA ILE A 141 6.88 -8.15 -4.19
C ILE A 141 6.30 -9.42 -4.78
N LEU A 142 5.34 -9.27 -5.70
CA LEU A 142 4.75 -10.43 -6.35
C LEU A 142 5.80 -11.27 -7.03
N ALA A 143 6.78 -10.63 -7.68
CA ALA A 143 7.86 -11.39 -8.29
C ALA A 143 8.48 -12.34 -7.27
N TRP A 144 8.85 -11.82 -6.09
CA TRP A 144 9.41 -12.69 -5.06
C TRP A 144 8.46 -13.82 -4.74
N ALA A 145 7.18 -13.49 -4.52
CA ALA A 145 6.19 -14.53 -4.26
C ALA A 145 6.20 -15.56 -5.37
N THR A 146 6.16 -15.10 -6.62
CA THR A 146 6.19 -16.03 -7.74
C THR A 146 7.42 -16.91 -7.68
N TYR A 147 8.58 -16.30 -7.42
CA TYR A 147 9.80 -17.09 -7.27
C TYR A 147 9.62 -18.16 -6.20
N TYR A 148 9.08 -17.75 -5.05
CA TYR A 148 8.84 -18.72 -3.98
C TYR A 148 7.94 -19.83 -4.46
N LEU A 149 6.88 -19.46 -5.21
CA LEU A 149 5.99 -20.47 -5.75
C LEU A 149 6.74 -21.45 -6.63
N PHE A 150 7.62 -20.94 -7.49
CA PHE A 150 8.37 -21.82 -8.37
C PHE A 150 9.34 -22.69 -7.57
N GLN A 151 9.74 -22.22 -6.39
CA GLN A 151 10.60 -23.04 -5.55
C GLN A 151 9.81 -24.04 -4.72
N SER A 152 8.49 -23.87 -4.63
CA SER A 152 7.68 -24.76 -3.82
C SER A 152 7.45 -26.10 -4.49
N PHE A 153 7.47 -26.14 -5.82
CA PHE A 153 7.15 -27.34 -6.58
C PHE A 153 8.36 -28.28 -6.60
N GLN A 154 8.63 -28.87 -5.44
CA GLN A 154 9.67 -29.89 -5.33
C GLN A 154 9.43 -30.68 -4.06
N LYS A 155 10.19 -31.77 -3.93
CA LYS A 155 9.91 -32.77 -2.89
C LYS A 155 10.08 -32.18 -1.49
N GLU A 156 11.15 -31.42 -1.28
CA GLU A 156 11.41 -30.79 0.01
C GLU A 156 11.62 -29.30 -0.18
N LEU A 157 11.05 -28.51 0.71
CA LEU A 157 11.15 -27.07 0.60
C LEU A 157 12.61 -26.65 0.74
N PRO A 158 13.07 -25.69 -0.07
CA PRO A 158 14.50 -25.33 -0.06
C PRO A 158 14.94 -24.59 1.19
N TRP A 159 14.00 -24.06 1.98
CA TRP A 159 14.33 -23.34 3.20
C TRP A 159 14.05 -24.17 4.46
N ALA A 160 13.77 -25.46 4.31
CA ALA A 160 13.58 -26.30 5.47
C ALA A 160 14.92 -26.55 6.17
N HIS A 161 15.88 -27.10 5.44
CA HIS A 161 17.23 -27.31 5.94
C HIS A 161 18.22 -26.59 5.03
N CYS A 162 19.35 -26.19 5.59
CA CYS A 162 20.36 -25.47 4.83
C CYS A 162 21.57 -26.38 4.63
N ASN A 163 21.52 -27.17 3.55
CA ASN A 163 22.67 -27.93 3.10
C ASN A 163 22.91 -27.70 1.61
N HIS A 164 22.35 -26.64 1.05
CA HIS A 164 22.45 -26.39 -0.38
C HIS A 164 23.68 -25.53 -0.69
N SER A 165 23.87 -25.23 -1.98
CA SER A 165 25.08 -24.52 -2.40
C SER A 165 25.11 -23.08 -1.92
N TRP A 166 23.93 -22.44 -1.81
CA TRP A 166 23.89 -21.03 -1.49
C TRP A 166 24.06 -20.73 0.00
N ASN A 167 24.08 -21.76 0.85
CA ASN A 167 24.10 -21.53 2.29
C ASN A 167 25.52 -21.29 2.79
N THR A 168 25.68 -20.24 3.58
CA THR A 168 26.95 -19.95 4.22
C THR A 168 27.25 -20.99 5.31
N PRO A 169 28.52 -21.39 5.46
CA PRO A 169 28.86 -22.36 6.51
C PRO A 169 28.42 -21.96 7.91
N HIS A 170 28.14 -20.68 8.14
CA HIS A 170 27.61 -20.26 9.43
C HIS A 170 26.15 -20.66 9.64
N CYS A 171 25.46 -21.15 8.62
CA CYS A 171 24.06 -21.51 8.78
C CYS A 171 23.93 -22.77 9.64
N MET A 172 22.99 -22.73 10.58
CA MET A 172 22.67 -23.86 11.41
C MET A 172 21.15 -24.01 11.46
N GLU A 173 20.68 -25.25 11.51
CA GLU A 173 19.25 -25.51 11.49
C GLU A 173 18.60 -24.95 12.75
N ASP A 174 17.33 -24.53 12.60
CA ASP A 174 16.63 -23.89 13.71
C ASP A 174 16.46 -24.83 14.90
N THR A 175 16.15 -26.10 14.64
CA THR A 175 15.93 -27.04 15.73
C THR A 175 17.22 -27.29 16.52
N MET A 176 18.37 -27.26 15.85
CA MET A 176 19.65 -27.51 16.48
C MET A 176 20.30 -26.24 17.02
N ARG A 177 19.66 -25.08 16.84
CA ARG A 177 20.31 -23.81 17.21
C ARG A 177 20.51 -23.70 18.71
N LYS A 178 19.46 -23.93 19.48
CA LYS A 178 19.51 -23.79 20.93
C LYS A 178 19.79 -25.12 21.64
N ASN A 179 19.80 -26.23 20.90
CA ASN A 179 19.95 -27.54 21.54
C ASN A 179 21.28 -27.66 22.27
N LYS A 180 22.37 -27.18 21.65
CA LYS A 180 23.69 -27.27 22.25
C LYS A 180 24.22 -25.92 22.71
N THR A 189 29.96 -19.25 16.15
CA THR A 189 29.03 -18.25 16.71
C THR A 189 28.35 -17.51 15.58
N ASN A 190 27.45 -16.58 15.91
CA ASN A 190 26.75 -15.76 14.88
C ASN A 190 26.19 -16.70 13.80
N PHE A 191 25.41 -17.70 14.20
CA PHE A 191 24.82 -18.66 13.22
C PHE A 191 23.64 -18.00 12.51
N THR A 192 23.29 -18.51 11.32
CA THR A 192 22.16 -17.96 10.56
C THR A 192 21.14 -19.05 10.33
N SER A 193 19.87 -18.69 10.13
CA SER A 193 18.79 -19.70 9.95
C SER A 193 18.58 -19.97 8.46
N PRO A 194 18.20 -21.21 8.06
CA PRO A 194 18.04 -21.54 6.65
C PRO A 194 17.04 -20.62 5.95
N VAL A 195 15.93 -20.30 6.63
CA VAL A 195 14.86 -19.48 5.98
C VAL A 195 15.45 -18.10 5.61
N ILE A 196 16.15 -17.45 6.54
CA ILE A 196 16.76 -16.13 6.26
C ILE A 196 17.84 -16.30 5.17
N GLU A 197 18.68 -17.33 5.29
CA GLU A 197 19.69 -17.62 4.24
C GLU A 197 19.00 -17.68 2.88
N PHE A 198 17.97 -18.54 2.76
CA PHE A 198 17.27 -18.66 1.49
C PHE A 198 16.73 -17.33 1.01
N TRP A 199 16.23 -16.52 1.94
CA TRP A 199 15.67 -15.23 1.54
C TRP A 199 16.73 -14.29 0.98
N GLU A 200 17.91 -14.27 1.60
CA GLU A 200 18.94 -13.31 1.20
C GLU A 200 19.88 -13.89 0.15
N ARG A 201 20.56 -14.98 0.49
CA ARG A 201 21.59 -15.52 -0.39
C ARG A 201 21.03 -16.01 -1.72
N ASN A 202 19.85 -16.64 -1.69
CA ASN A 202 19.31 -17.28 -2.89
C ASN A 202 18.26 -16.42 -3.59
N VAL A 203 17.21 -16.01 -2.88
CA VAL A 203 16.15 -15.22 -3.51
C VAL A 203 16.69 -13.87 -3.93
N LEU A 204 17.45 -13.21 -3.06
CA LEU A 204 17.94 -11.86 -3.32
C LEU A 204 19.39 -11.81 -3.77
N SER A 205 20.24 -12.74 -3.32
CA SER A 205 21.68 -12.70 -3.57
C SER A 205 22.26 -11.36 -3.11
N LEU A 206 21.88 -10.94 -1.90
CA LEU A 206 22.10 -9.58 -1.43
C LEU A 206 23.54 -9.14 -1.56
N SER A 207 23.74 -7.96 -2.15
CA SER A 207 25.05 -7.40 -2.38
C SER A 207 25.50 -6.58 -1.18
N PRO A 208 26.77 -6.20 -1.11
CA PRO A 208 27.23 -5.40 0.04
C PRO A 208 26.48 -4.11 0.26
N GLY A 209 26.00 -3.45 -0.80
CA GLY A 209 25.32 -2.19 -0.61
C GLY A 209 24.59 -1.77 -1.87
N ILE A 210 23.91 -0.63 -1.77
CA ILE A 210 23.17 -0.12 -2.92
C ILE A 210 24.11 0.27 -4.05
N ASP A 211 25.30 0.78 -3.71
CA ASP A 211 26.27 1.18 -4.72
C ASP A 211 26.95 0.00 -5.40
N HIS A 212 26.49 -1.23 -5.15
CA HIS A 212 27.00 -2.42 -5.83
C HIS A 212 25.82 -3.21 -6.39
N PRO A 213 25.18 -2.70 -7.44
CA PRO A 213 24.03 -3.42 -8.01
C PRO A 213 24.38 -4.80 -8.53
N GLY A 214 25.57 -4.97 -9.09
CA GLY A 214 25.99 -6.27 -9.56
C GLY A 214 25.23 -6.72 -10.79
N SER A 215 25.27 -8.03 -11.02
CA SER A 215 24.65 -8.62 -12.20
C SER A 215 23.17 -8.90 -11.95
N LEU A 216 22.33 -8.44 -12.86
CA LEU A 216 20.89 -8.63 -12.74
C LEU A 216 20.54 -10.11 -12.63
N LYS A 217 19.66 -10.43 -11.68
CA LYS A 217 19.21 -11.80 -11.50
C LYS A 217 18.18 -12.13 -12.57
N TRP A 218 18.48 -13.15 -13.38
CA TRP A 218 17.62 -13.45 -14.52
C TRP A 218 16.33 -14.16 -14.12
N ASP A 219 16.37 -15.04 -13.11
CA ASP A 219 15.16 -15.72 -12.69
C ASP A 219 14.14 -14.75 -12.13
N LEU A 220 14.58 -13.83 -11.27
CA LEU A 220 13.66 -12.82 -10.75
C LEU A 220 13.19 -11.88 -11.83
N ALA A 221 14.05 -11.56 -12.80
CA ALA A 221 13.63 -10.72 -13.92
C ALA A 221 12.53 -11.40 -14.72
N LEU A 222 12.67 -12.71 -14.97
CA LEU A 222 11.64 -13.44 -15.69
C LEU A 222 10.36 -13.54 -14.88
N CYS A 223 10.47 -13.71 -13.56
CA CYS A 223 9.27 -13.74 -12.72
C CYS A 223 8.54 -12.41 -12.73
N LEU A 224 9.29 -11.30 -12.67
CA LEU A 224 8.69 -9.98 -12.78
C LEU A 224 8.02 -9.79 -14.14
N LEU A 225 8.67 -10.26 -15.20
CA LEU A 225 8.06 -10.20 -16.52
C LEU A 225 6.78 -11.02 -16.56
N LEU A 226 6.77 -12.18 -15.90
CA LEU A 226 5.59 -13.03 -15.90
C LEU A 226 4.42 -12.36 -15.19
N VAL A 227 4.67 -11.78 -14.02
CA VAL A 227 3.56 -11.12 -13.32
C VAL A 227 3.09 -9.88 -14.06
N TRP A 228 4.01 -9.15 -14.71
CA TRP A 228 3.58 -8.03 -15.52
C TRP A 228 2.78 -8.49 -16.74
N LEU A 229 3.11 -9.65 -17.30
CA LEU A 229 2.32 -10.21 -18.39
C LEU A 229 0.94 -10.61 -17.92
N VAL A 230 0.83 -11.16 -16.72
CA VAL A 230 -0.48 -11.47 -16.15
C VAL A 230 -1.30 -10.20 -16.00
N CYS A 231 -0.67 -9.14 -15.49
CA CYS A 231 -1.37 -7.86 -15.38
C CYS A 231 -1.79 -7.34 -16.75
N PHE A 232 -0.90 -7.45 -17.75
CA PHE A 232 -1.20 -6.91 -19.06
C PHE A 232 -2.36 -7.65 -19.72
N PHE A 233 -2.37 -8.98 -19.64
CA PHE A 233 -3.46 -9.77 -20.20
C PHE A 233 -4.69 -9.80 -19.32
N CYS A 234 -4.64 -9.26 -18.11
CA CYS A 234 -5.83 -9.15 -17.27
C CYS A 234 -6.42 -7.75 -17.28
N ILE A 235 -5.79 -6.80 -17.99
CA ILE A 235 -6.24 -5.42 -18.05
C ILE A 235 -6.73 -5.05 -19.45
N TRP A 236 -5.93 -5.37 -20.47
CA TRP A 236 -6.35 -5.04 -21.83
C TRP A 236 -7.50 -5.91 -22.29
N LYS A 237 -7.51 -7.19 -21.90
CA LYS A 237 -8.69 -8.03 -22.00
C LYS A 237 -8.93 -8.73 -20.67
N GLY A 238 -10.18 -9.14 -20.46
CA GLY A 238 -10.55 -9.78 -19.21
C GLY A 238 -10.40 -8.86 -18.01
N VAL A 239 -10.86 -7.61 -18.13
CA VAL A 239 -10.75 -6.67 -17.01
C VAL A 239 -11.58 -7.16 -15.83
N ARG A 240 -12.73 -7.77 -16.11
CA ARG A 240 -13.57 -8.37 -15.08
C ARG A 240 -13.32 -9.87 -14.93
N SER A 241 -12.11 -10.34 -15.27
CA SER A 241 -11.80 -11.76 -15.12
C SER A 241 -11.90 -12.20 -13.67
N THR A 242 -11.37 -11.40 -12.75
CA THR A 242 -11.47 -11.72 -11.33
C THR A 242 -12.89 -11.55 -10.80
N GLY A 243 -13.72 -10.77 -11.49
CA GLY A 243 -15.08 -10.52 -11.00
C GLY A 243 -15.95 -11.76 -11.02
N LYS A 244 -15.82 -12.59 -12.05
CA LYS A 244 -16.64 -13.79 -12.16
C LYS A 244 -16.17 -14.91 -11.24
N VAL A 245 -15.00 -14.78 -10.62
CA VAL A 245 -14.45 -15.85 -9.79
C VAL A 245 -14.16 -15.31 -8.40
N VAL A 246 -14.88 -14.24 -8.02
CA VAL A 246 -14.67 -13.61 -6.72
C VAL A 246 -14.85 -14.60 -5.59
N TYR A 247 -15.78 -15.56 -5.75
CA TYR A 247 -16.03 -16.53 -4.69
C TYR A 247 -14.77 -17.30 -4.32
N PHE A 248 -13.81 -17.42 -5.24
CA PHE A 248 -12.52 -18.00 -4.91
C PHE A 248 -11.48 -16.92 -4.62
N THR A 249 -11.61 -15.76 -5.25
CA THR A 249 -10.62 -14.69 -5.08
C THR A 249 -10.78 -13.97 -3.75
N ALA A 250 -11.96 -14.01 -3.13
CA ALA A 250 -12.20 -13.31 -1.88
C ALA A 250 -12.20 -14.23 -0.67
N THR A 251 -12.86 -15.38 -0.76
CA THR A 251 -12.99 -16.24 0.41
C THR A 251 -11.68 -16.96 0.72
N PHE A 252 -10.97 -17.43 -0.31
CA PHE A 252 -9.77 -18.21 -0.08
C PHE A 252 -8.67 -17.44 0.64
N PRO A 253 -8.32 -16.21 0.25
CA PRO A 253 -7.23 -15.52 0.99
C PRO A 253 -7.49 -15.39 2.46
N PHE A 254 -8.74 -15.12 2.86
CA PHE A 254 -9.06 -15.11 4.29
C PHE A 254 -9.01 -16.51 4.88
N ALA A 255 -9.65 -17.48 4.21
CA ALA A 255 -9.68 -18.84 4.74
C ALA A 255 -8.28 -19.43 4.86
N MET A 256 -7.35 -18.97 4.01
CA MET A 256 -5.97 -19.39 4.17
C MET A 256 -5.32 -18.71 5.38
N LEU A 257 -5.54 -17.40 5.54
CA LEU A 257 -4.93 -16.69 6.67
C LEU A 257 -5.32 -17.32 7.99
N LEU A 258 -6.61 -17.62 8.15
CA LEU A 258 -7.07 -18.28 9.37
C LEU A 258 -6.25 -19.52 9.67
N VAL A 259 -5.96 -20.33 8.64
CA VAL A 259 -5.15 -21.52 8.86
C VAL A 259 -3.81 -21.14 9.48
N LEU A 260 -3.11 -20.17 8.90
CA LEU A 260 -1.87 -19.70 9.49
C LEU A 260 -2.10 -19.27 10.93
N LEU A 261 -3.18 -18.53 11.18
CA LEU A 261 -3.49 -18.10 12.54
C LEU A 261 -3.66 -19.31 13.44
N VAL A 262 -4.39 -20.33 12.99
CA VAL A 262 -4.55 -21.53 13.78
C VAL A 262 -3.21 -22.20 13.99
N ARG A 263 -2.33 -22.14 12.98
CA ARG A 263 -0.99 -22.66 13.15
C ARG A 263 -0.14 -21.72 14.01
N GLY A 264 -0.41 -20.42 13.91
CA GLY A 264 0.41 -19.47 14.65
C GLY A 264 0.21 -19.56 16.15
N LEU A 265 -1.05 -19.59 16.59
CA LEU A 265 -1.33 -19.59 18.02
C LEU A 265 -0.89 -20.89 18.66
N THR A 266 -1.01 -22.01 17.95
CA THR A 266 -0.66 -23.31 18.50
C THR A 266 0.83 -23.45 18.76
N LEU A 267 1.66 -22.62 18.13
CA LEU A 267 3.10 -22.73 18.32
C LEU A 267 3.45 -22.42 19.79
N PRO A 268 4.42 -23.13 20.37
CA PRO A 268 4.67 -22.97 21.81
C PRO A 268 5.05 -21.57 22.23
N GLY A 269 5.77 -20.83 21.40
CA GLY A 269 6.26 -19.53 21.80
C GLY A 269 5.31 -18.38 21.55
N ALA A 270 4.14 -18.68 20.98
CA ALA A 270 3.18 -17.64 20.59
C ALA A 270 2.85 -16.70 21.73
N GLY A 271 2.72 -17.22 22.96
CA GLY A 271 2.39 -16.36 24.08
C GLY A 271 3.37 -15.23 24.26
N ALA A 272 4.66 -15.51 24.05
CA ALA A 272 5.63 -14.43 24.04
C ALA A 272 5.37 -13.47 22.89
N GLY A 273 5.27 -14.00 21.67
CA GLY A 273 5.19 -13.14 20.50
C GLY A 273 3.99 -12.22 20.54
N ILE A 274 2.82 -12.77 20.87
CA ILE A 274 1.62 -11.95 20.98
C ILE A 274 1.84 -10.82 21.99
N LYS A 275 2.48 -11.13 23.11
CA LYS A 275 2.78 -10.08 24.08
C LYS A 275 3.64 -9.00 23.45
N PHE A 276 4.69 -9.41 22.73
CA PHE A 276 5.51 -8.45 22.00
C PHE A 276 4.68 -7.67 21.00
N TYR A 277 3.66 -8.31 20.42
CA TYR A 277 2.82 -7.65 19.45
C TYR A 277 1.81 -6.70 20.12
N LEU A 278 1.57 -6.87 21.42
CA LEU A 278 0.49 -6.15 22.09
C LEU A 278 0.98 -5.15 23.12
N TYR A 279 1.76 -5.58 24.09
CA TYR A 279 2.19 -4.68 25.16
C TYR A 279 3.13 -3.63 24.59
N PRO A 280 2.79 -2.35 24.67
CA PRO A 280 3.60 -1.32 24.03
C PRO A 280 4.75 -0.85 24.92
N ASP A 281 5.66 -0.10 24.30
CA ASP A 281 6.78 0.52 24.98
C ASP A 281 6.62 2.03 24.91
N ILE A 282 6.59 2.68 26.08
CA ILE A 282 6.32 4.10 26.14
C ILE A 282 7.47 4.90 25.51
N THR A 283 8.71 4.43 25.70
CA THR A 283 9.85 5.16 25.17
C THR A 283 9.81 5.23 23.65
N ARG A 284 9.42 4.13 23.00
CA ARG A 284 9.42 4.09 21.54
C ARG A 284 8.49 5.14 20.95
N LEU A 285 7.46 5.56 21.70
CA LEU A 285 6.55 6.58 21.21
C LEU A 285 7.19 7.95 21.09
N GLU A 286 8.35 8.16 21.71
CA GLU A 286 9.01 9.46 21.61
C GLU A 286 9.67 9.68 20.26
N ASP A 287 10.05 8.61 19.59
CA ASP A 287 10.77 8.73 18.32
C ASP A 287 9.77 9.00 17.20
N PRO A 288 10.05 9.97 16.33
CA PRO A 288 9.10 10.26 15.23
C PRO A 288 8.89 9.12 14.26
N GLN A 289 9.82 8.16 14.21
CA GLN A 289 9.75 7.11 13.19
C GLN A 289 8.51 6.25 13.35
N VAL A 290 8.14 5.92 14.60
CA VAL A 290 6.97 5.07 14.79
C VAL A 290 5.72 5.78 14.32
N TRP A 291 5.59 7.08 14.61
CA TRP A 291 4.41 7.81 14.19
C TRP A 291 4.34 7.95 12.68
N ILE A 292 5.46 8.27 12.03
CA ILE A 292 5.45 8.39 10.58
C ILE A 292 5.12 7.05 9.93
N ASP A 293 5.71 5.96 10.45
CA ASP A 293 5.47 4.65 9.87
C ASP A 293 4.02 4.22 10.06
N ALA A 294 3.44 4.45 11.24
CA ALA A 294 2.06 4.08 11.46
C ALA A 294 1.10 4.90 10.61
N GLY A 295 1.29 6.22 10.53
CA GLY A 295 0.40 7.03 9.72
C GLY A 295 0.47 6.66 8.25
N THR A 296 1.68 6.50 7.73
CA THR A 296 1.81 6.16 6.32
C THR A 296 1.39 4.72 6.05
N GLN A 297 1.46 3.82 7.03
CA GLN A 297 0.95 2.48 6.82
C GLN A 297 -0.58 2.48 6.77
N ILE A 298 -1.22 3.29 7.62
CA ILE A 298 -2.65 3.51 7.49
C ILE A 298 -2.99 4.02 6.10
N PHE A 299 -2.25 5.01 5.62
CA PHE A 299 -2.57 5.61 4.33
C PHE A 299 -2.30 4.65 3.18
N PHE A 300 -1.28 3.82 3.31
CA PHE A 300 -0.93 2.86 2.26
C PHE A 300 -1.92 1.71 2.21
N SER A 301 -2.32 1.18 3.37
CA SER A 301 -3.24 0.06 3.41
C SER A 301 -4.59 0.42 2.81
N TYR A 302 -5.06 1.64 3.06
CA TYR A 302 -6.35 2.08 2.55
C TYR A 302 -6.27 2.68 1.17
N ALA A 303 -5.09 2.69 0.55
CA ALA A 303 -4.91 3.15 -0.82
C ALA A 303 -5.41 4.58 -1.02
N ILE A 304 -5.26 5.41 0.00
CA ILE A 304 -5.68 6.80 -0.10
C ILE A 304 -4.53 7.62 -0.63
N CYS A 305 -4.85 8.81 -1.16
CA CYS A 305 -3.90 9.69 -1.84
C CYS A 305 -3.31 9.03 -3.08
N LEU A 306 -4.09 8.15 -3.71
CA LEU A 306 -3.66 7.47 -4.93
C LEU A 306 -4.61 7.68 -6.10
N GLY A 307 -5.84 8.13 -5.85
CA GLY A 307 -6.83 8.26 -6.90
C GLY A 307 -7.59 6.98 -7.19
N ALA A 308 -7.11 5.84 -6.69
CA ALA A 308 -7.84 4.59 -6.88
C ALA A 308 -9.17 4.63 -6.16
N MET A 309 -9.19 5.13 -4.92
CA MET A 309 -10.42 5.17 -4.15
C MET A 309 -11.43 6.13 -4.76
N THR A 310 -10.97 7.28 -5.25
CA THR A 310 -11.88 8.22 -5.90
C THR A 310 -12.48 7.62 -7.16
N SER A 311 -11.67 6.93 -7.96
CA SER A 311 -12.19 6.28 -9.16
C SER A 311 -13.18 5.17 -8.81
N LEU A 312 -12.86 4.37 -7.80
CA LEU A 312 -13.78 3.31 -7.39
C LEU A 312 -15.10 3.88 -6.88
N GLY A 313 -15.05 5.02 -6.19
CA GLY A 313 -16.26 5.71 -5.79
C GLY A 313 -16.94 6.47 -6.90
N SER A 314 -16.28 6.63 -8.03
CA SER A 314 -16.88 7.29 -9.18
C SER A 314 -17.77 6.37 -10.00
N TYR A 315 -17.68 5.06 -9.79
CA TYR A 315 -18.46 4.09 -10.55
C TYR A 315 -19.76 3.68 -9.86
N ASN A 316 -20.07 4.26 -8.70
CA ASN A 316 -21.28 3.88 -7.98
C ASN A 316 -22.37 4.92 -8.17
N LYS A 317 -23.57 4.57 -7.73
CA LYS A 317 -24.72 5.44 -7.88
C LYS A 317 -24.61 6.66 -6.98
N TYR A 318 -25.33 7.72 -7.35
CA TYR A 318 -25.38 8.92 -6.52
C TYR A 318 -26.13 8.67 -5.22
N LYS A 319 -27.30 8.04 -5.30
CA LYS A 319 -28.11 7.78 -4.12
C LYS A 319 -27.73 6.43 -3.51
N TYR A 320 -26.46 6.29 -3.18
CA TYR A 320 -25.91 5.06 -2.63
C TYR A 320 -25.32 5.36 -1.26
N ASN A 321 -25.65 4.51 -0.28
CA ASN A 321 -25.21 4.71 1.09
C ASN A 321 -23.80 4.14 1.24
N SER A 322 -22.83 4.92 0.77
CA SER A 322 -21.44 4.47 0.80
C SER A 322 -20.78 4.68 2.16
N TYR A 323 -21.41 5.44 3.06
CA TYR A 323 -20.82 5.64 4.40
C TYR A 323 -20.77 4.33 5.17
N ARG A 324 -21.89 3.63 5.26
CA ARG A 324 -21.93 2.36 5.99
C ARG A 324 -21.03 1.32 5.34
N ASP A 325 -21.07 1.24 4.01
CA ASP A 325 -20.23 0.27 3.30
C ASP A 325 -18.76 0.56 3.53
N CYS A 326 -18.38 1.84 3.50
CA CYS A 326 -17.00 2.21 3.74
C CYS A 326 -16.57 1.88 5.17
N MET A 327 -17.45 2.12 6.15
CA MET A 327 -17.12 1.75 7.52
C MET A 327 -16.91 0.25 7.67
N LEU A 328 -17.78 -0.56 7.07
CA LEU A 328 -17.59 -2.01 7.13
C LEU A 328 -16.31 -2.45 6.42
N LEU A 329 -16.01 -1.85 5.26
CA LEU A 329 -14.79 -2.20 4.56
C LEU A 329 -13.55 -1.82 5.36
N GLY A 330 -13.56 -0.65 6.00
CA GLY A 330 -12.43 -0.28 6.83
C GLY A 330 -12.27 -1.19 8.03
N CYS A 331 -13.39 -1.61 8.63
CA CYS A 331 -13.35 -2.59 9.71
C CYS A 331 -12.72 -3.89 9.22
N LEU A 332 -13.12 -4.36 8.04
CA LEU A 332 -12.56 -5.58 7.49
C LEU A 332 -11.07 -5.43 7.23
N ASN A 333 -10.65 -4.30 6.67
CA ASN A 333 -9.24 -4.06 6.37
C ASN A 333 -8.40 -4.09 7.65
N SER A 334 -8.80 -3.32 8.65
CA SER A 334 -8.02 -3.24 9.88
C SER A 334 -8.06 -4.54 10.64
N GLY A 335 -9.19 -5.25 10.63
CA GLY A 335 -9.25 -6.55 11.27
C GLY A 335 -8.34 -7.56 10.61
N THR A 336 -8.30 -7.56 9.28
CA THR A 336 -7.37 -8.45 8.58
C THR A 336 -5.93 -8.12 8.95
N SER A 337 -5.58 -6.84 8.97
CA SER A 337 -4.22 -6.46 9.37
C SER A 337 -3.91 -6.94 10.77
N PHE A 338 -4.81 -6.67 11.73
CA PHE A 338 -4.58 -7.00 13.13
C PHE A 338 -4.46 -8.50 13.33
N VAL A 339 -5.35 -9.28 12.71
CA VAL A 339 -5.35 -10.73 12.90
C VAL A 339 -4.14 -11.36 12.21
N SER A 340 -3.79 -10.89 11.02
CA SER A 340 -2.57 -11.38 10.37
C SER A 340 -1.33 -11.06 11.19
N GLY A 341 -1.29 -9.87 11.78
CA GLY A 341 -0.21 -9.57 12.70
C GLY A 341 -0.17 -10.53 13.87
N PHE A 342 -1.33 -10.92 14.39
CA PHE A 342 -1.37 -11.93 15.45
C PHE A 342 -0.65 -13.20 15.02
N ALA A 343 -0.98 -13.73 13.84
CA ALA A 343 -0.38 -14.97 13.37
C ALA A 343 1.12 -14.82 13.14
N ILE A 344 1.52 -13.77 12.44
CA ILE A 344 2.93 -13.64 12.08
C ILE A 344 3.78 -13.37 13.33
N PHE A 345 3.25 -12.63 14.29
CA PHE A 345 4.00 -12.41 15.52
C PHE A 345 4.01 -13.63 16.42
N SER A 346 2.98 -14.48 16.36
CA SER A 346 3.07 -15.76 17.03
C SER A 346 4.17 -16.63 16.42
N ILE A 347 4.28 -16.62 15.09
CA ILE A 347 5.37 -17.35 14.45
C ILE A 347 6.71 -16.77 14.83
N LEU A 348 6.82 -15.44 14.90
CA LEU A 348 8.05 -14.80 15.32
C LEU A 348 8.42 -15.19 16.75
N GLY A 349 7.44 -15.21 17.64
CA GLY A 349 7.72 -15.64 19.01
C GLY A 349 8.16 -17.08 19.08
N PHE A 350 7.54 -17.95 18.28
CA PHE A 350 7.97 -19.34 18.21
C PHE A 350 9.42 -19.46 17.75
N MET A 351 9.76 -18.72 16.69
CA MET A 351 11.14 -18.75 16.19
C MET A 351 12.11 -18.22 17.23
N ALA A 352 11.73 -17.16 17.94
CA ALA A 352 12.60 -16.61 18.97
C ALA A 352 12.82 -17.61 20.11
N GLN A 353 11.76 -18.29 20.54
CA GLN A 353 11.91 -19.22 21.65
C GLN A 353 12.71 -20.45 21.22
N GLU A 354 12.53 -20.88 19.97
CA GLU A 354 13.27 -22.04 19.48
C GLU A 354 14.74 -21.72 19.25
N GLN A 355 15.04 -20.50 18.81
CA GLN A 355 16.39 -20.10 18.45
C GLN A 355 17.19 -19.59 19.64
N GLY A 356 16.55 -19.39 20.80
CA GLY A 356 17.25 -18.82 21.93
C GLY A 356 17.73 -17.41 21.70
N VAL A 357 16.95 -16.59 20.99
CA VAL A 357 17.32 -15.22 20.69
C VAL A 357 16.14 -14.32 21.03
N ASP A 358 16.42 -13.03 21.18
CA ASP A 358 15.36 -12.06 21.45
C ASP A 358 14.44 -11.97 20.24
N ILE A 359 13.18 -11.62 20.51
CA ILE A 359 12.19 -11.54 19.43
C ILE A 359 12.56 -10.45 18.45
N ALA A 360 13.14 -9.35 18.95
CA ALA A 360 13.52 -8.24 18.09
C ALA A 360 14.66 -8.56 17.14
N ASP A 361 15.38 -9.67 17.36
CA ASP A 361 16.53 -10.04 16.54
C ASP A 361 16.39 -11.45 16.00
N VAL A 362 15.16 -11.84 15.64
CA VAL A 362 14.91 -13.19 15.15
C VAL A 362 14.77 -13.24 13.63
N ALA A 363 14.46 -12.12 12.99
CA ALA A 363 14.24 -12.10 11.54
C ALA A 363 14.71 -10.76 11.01
N GLU A 364 14.30 -10.44 9.79
CA GLU A 364 14.71 -9.22 9.11
C GLU A 364 13.70 -8.11 9.37
N SER A 365 14.18 -6.99 9.91
CA SER A 365 13.28 -5.88 10.23
C SER A 365 12.69 -5.27 8.97
N GLY A 366 13.47 -5.19 7.89
CA GLY A 366 12.98 -4.65 6.65
C GLY A 366 12.04 -5.60 5.94
N PRO A 367 11.68 -5.29 4.70
CA PRO A 367 10.78 -6.17 3.96
C PRO A 367 11.38 -7.56 3.81
N GLY A 368 10.51 -8.56 3.87
CA GLY A 368 10.94 -9.94 3.90
C GLY A 368 10.61 -10.67 5.17
N LEU A 369 10.05 -9.99 6.17
CA LEU A 369 9.56 -10.69 7.36
C LEU A 369 8.46 -11.66 7.00
N ALA A 370 7.51 -11.23 6.16
CA ALA A 370 6.49 -12.14 5.66
C ALA A 370 7.07 -13.25 4.79
N PHE A 371 8.27 -13.06 4.27
CA PHE A 371 8.98 -14.08 3.51
C PHE A 371 9.96 -14.85 4.38
N ILE A 372 9.98 -14.58 5.68
CA ILE A 372 10.82 -15.30 6.63
C ILE A 372 9.98 -16.04 7.67
N ALA A 373 8.94 -15.39 8.17
CA ALA A 373 8.10 -16.00 9.20
C ALA A 373 7.12 -16.99 8.61
N TYR A 374 6.38 -16.58 7.59
CA TYR A 374 5.38 -17.46 6.98
C TYR A 374 5.97 -18.70 6.32
N PRO A 375 7.05 -18.60 5.53
CA PRO A 375 7.66 -19.84 5.02
C PRO A 375 8.19 -20.75 6.12
N LYS A 376 8.54 -20.21 7.28
CA LYS A 376 8.89 -21.07 8.41
C LYS A 376 7.66 -21.73 9.00
N ALA A 377 6.56 -20.98 9.11
CA ALA A 377 5.33 -21.53 9.68
C ALA A 377 4.79 -22.66 8.81
N VAL A 378 4.79 -22.48 7.49
CA VAL A 378 4.26 -23.52 6.61
C VAL A 378 5.12 -24.76 6.64
N THR A 379 6.35 -24.68 7.13
CA THR A 379 7.16 -25.87 7.30
C THR A 379 6.64 -26.75 8.43
N MET A 380 6.05 -26.15 9.46
CA MET A 380 5.57 -26.93 10.60
C MET A 380 4.28 -27.69 10.26
N MET A 381 3.53 -27.21 9.29
CA MET A 381 2.27 -27.87 8.95
C MET A 381 2.53 -29.23 8.31
N PRO A 382 1.60 -30.18 8.46
CA PRO A 382 1.73 -31.45 7.75
C PRO A 382 1.70 -31.22 6.24
N LEU A 383 2.54 -31.98 5.53
CA LEU A 383 2.74 -31.79 4.10
C LEU A 383 3.07 -30.33 3.81
N PRO A 384 4.27 -29.86 4.17
CA PRO A 384 4.57 -28.43 4.04
C PRO A 384 4.49 -27.92 2.61
N THR A 385 4.73 -28.78 1.62
CA THR A 385 4.72 -28.30 0.24
C THR A 385 3.34 -27.80 -0.17
N PHE A 386 2.30 -28.55 0.16
CA PHE A 386 0.95 -28.17 -0.24
C PHE A 386 0.54 -26.84 0.39
N TRP A 387 0.81 -26.69 1.69
CA TRP A 387 0.44 -25.47 2.39
C TRP A 387 1.27 -24.28 1.93
N SER A 388 2.55 -24.50 1.62
CA SER A 388 3.36 -23.43 1.06
C SER A 388 2.84 -22.97 -0.28
N ILE A 389 2.44 -23.94 -1.13
CA ILE A 389 1.88 -23.58 -2.44
C ILE A 389 0.61 -22.76 -2.25
N LEU A 390 -0.27 -23.19 -1.34
CA LEU A 390 -1.50 -22.43 -1.12
C LEU A 390 -1.20 -21.04 -0.57
N PHE A 391 -0.24 -20.93 0.35
CA PHE A 391 0.10 -19.64 0.93
C PHE A 391 0.60 -18.67 -0.13
N PHE A 392 1.51 -19.13 -0.98
CA PHE A 392 2.06 -18.22 -1.98
C PHE A 392 1.06 -17.94 -3.09
N ILE A 393 0.14 -18.87 -3.36
CA ILE A 393 -0.95 -18.58 -4.28
C ILE A 393 -1.86 -17.50 -3.69
N MET A 394 -2.11 -17.54 -2.39
CA MET A 394 -2.93 -16.50 -1.77
C MET A 394 -2.23 -15.16 -1.83
N LEU A 395 -0.92 -15.13 -1.57
CA LEU A 395 -0.17 -13.89 -1.73
C LEU A 395 -0.27 -13.35 -3.14
N LEU A 396 -0.14 -14.24 -4.13
CA LEU A 396 -0.28 -13.82 -5.52
C LEU A 396 -1.66 -13.25 -5.79
N LEU A 397 -2.71 -13.91 -5.30
CA LEU A 397 -4.06 -13.41 -5.51
C LEU A 397 -4.23 -12.02 -4.92
N LEU A 398 -3.83 -11.82 -3.67
CA LEU A 398 -3.97 -10.52 -3.02
C LEU A 398 -3.21 -9.45 -3.79
N GLY A 399 -1.93 -9.69 -4.05
CA GLY A 399 -1.11 -8.69 -4.72
C GLY A 399 -1.58 -8.41 -6.13
N LEU A 400 -2.00 -9.45 -6.85
CA LEU A 400 -2.44 -9.27 -8.23
C LEU A 400 -3.73 -8.48 -8.29
N ASP A 401 -4.69 -8.76 -7.39
CA ASP A 401 -5.92 -7.99 -7.39
C ASP A 401 -5.65 -6.53 -7.05
N SER A 402 -4.79 -6.28 -6.05
CA SER A 402 -4.45 -4.91 -5.71
C SER A 402 -3.77 -4.21 -6.88
N GLN A 403 -2.86 -4.90 -7.57
CA GLN A 403 -2.16 -4.31 -8.70
C GLN A 403 -3.10 -4.04 -9.86
N PHE A 404 -4.04 -4.96 -10.12
CA PHE A 404 -5.04 -4.70 -11.15
C PHE A 404 -5.78 -3.42 -10.85
N VAL A 405 -6.25 -3.26 -9.61
CA VAL A 405 -7.02 -2.08 -9.26
C VAL A 405 -6.18 -0.82 -9.42
N GLU A 406 -4.95 -0.83 -8.90
CA GLU A 406 -4.11 0.37 -8.95
C GLU A 406 -3.74 0.74 -10.39
N VAL A 407 -3.34 -0.26 -11.19
CA VAL A 407 -2.91 0.02 -12.55
C VAL A 407 -4.09 0.48 -13.39
N GLU A 408 -5.27 -0.13 -13.21
CA GLU A 408 -6.44 0.32 -13.95
C GLU A 408 -6.83 1.74 -13.56
N GLY A 409 -6.74 2.08 -12.26
CA GLY A 409 -7.01 3.45 -11.86
C GLY A 409 -6.05 4.44 -12.49
N GLN A 410 -4.75 4.11 -12.50
CA GLN A 410 -3.77 4.98 -13.12
C GLN A 410 -4.01 5.13 -14.63
N ILE A 411 -4.33 4.03 -15.31
CA ILE A 411 -4.60 4.10 -16.74
C ILE A 411 -5.83 4.95 -17.02
N THR A 412 -6.88 4.80 -16.21
CA THR A 412 -8.07 5.61 -16.40
C THR A 412 -7.77 7.08 -16.18
N SER A 413 -6.97 7.40 -15.16
CA SER A 413 -6.61 8.80 -14.92
C SER A 413 -5.82 9.38 -16.09
N LEU A 414 -4.84 8.64 -16.59
CA LEU A 414 -4.05 9.14 -17.71
C LEU A 414 -4.88 9.28 -18.98
N VAL A 415 -5.82 8.34 -19.20
CA VAL A 415 -6.72 8.45 -20.34
C VAL A 415 -7.62 9.67 -20.18
N ASP A 416 -8.03 9.99 -18.95
CA ASP A 416 -8.78 11.21 -18.72
C ASP A 416 -7.95 12.44 -19.08
N LEU A 417 -6.66 12.44 -18.70
CA LEU A 417 -5.78 13.53 -19.13
C LEU A 417 -5.61 13.62 -20.64
N TYR A 418 -5.69 12.50 -21.35
CA TYR A 418 -5.60 12.49 -22.81
C TYR A 418 -6.80 11.76 -23.39
N PRO A 419 -7.94 12.43 -23.51
CA PRO A 419 -9.16 11.74 -23.97
C PRO A 419 -9.21 11.52 -25.47
N SER A 420 -8.59 12.40 -26.27
CA SER A 420 -8.55 12.21 -27.71
C SER A 420 -7.35 11.39 -28.14
N PHE A 421 -6.17 11.67 -27.58
CA PHE A 421 -4.97 10.90 -27.89
C PHE A 421 -5.05 9.46 -27.39
N LEU A 422 -5.96 9.16 -26.47
CA LEU A 422 -6.14 7.80 -25.98
C LEU A 422 -7.62 7.42 -26.04
N ARG A 423 -7.97 6.28 -25.45
CA ARG A 423 -9.35 5.80 -25.41
C ARG A 423 -9.94 5.65 -26.81
N LYS A 424 -9.15 5.11 -27.73
CA LYS A 424 -9.58 4.87 -29.10
C LYS A 424 -9.21 3.47 -29.55
N GLY A 425 -9.48 2.48 -28.70
CA GLY A 425 -9.23 1.09 -29.03
C GLY A 425 -7.76 0.74 -29.05
N TYR A 426 -7.22 0.47 -30.24
CA TYR A 426 -5.81 0.10 -30.36
C TYR A 426 -4.90 1.20 -29.82
N ARG A 427 -5.25 2.46 -30.07
CA ARG A 427 -4.46 3.57 -29.54
C ARG A 427 -4.40 3.54 -28.02
N ARG A 428 -5.43 3.01 -27.37
CA ARG A 428 -5.37 2.77 -25.93
C ARG A 428 -4.54 1.52 -25.61
N GLU A 429 -4.68 0.46 -26.41
CA GLU A 429 -3.98 -0.79 -26.13
C GLU A 429 -2.48 -0.55 -26.05
N ILE A 430 -1.92 0.13 -27.04
CA ILE A 430 -0.49 0.43 -27.03
C ILE A 430 -0.11 1.14 -25.74
N PHE A 431 -0.97 2.07 -25.28
CA PHE A 431 -0.67 2.78 -24.05
C PHE A 431 -0.45 1.81 -22.89
N ILE A 432 -1.30 0.79 -22.77
CA ILE A 432 -1.09 -0.21 -21.73
C ILE A 432 0.28 -0.84 -21.89
N ALA A 433 0.61 -1.29 -23.10
CA ALA A 433 1.90 -1.94 -23.35
C ALA A 433 3.04 -0.99 -23.02
N PHE A 434 2.79 0.32 -23.08
CA PHE A 434 3.79 1.27 -22.65
C PHE A 434 3.91 1.29 -21.14
N VAL A 435 2.79 1.51 -20.45
CA VAL A 435 2.83 1.81 -19.01
C VAL A 435 3.44 0.66 -18.24
N CYS A 436 3.09 -0.58 -18.62
CA CYS A 436 3.73 -1.73 -18.00
C CYS A 436 5.23 -1.76 -18.31
N SER A 437 5.59 -1.66 -19.59
CA SER A 437 6.97 -1.87 -19.98
C SER A 437 7.89 -0.83 -19.35
N ILE A 438 7.54 0.45 -19.44
CA ILE A 438 8.36 1.47 -18.82
C ILE A 438 8.42 1.27 -17.31
N SER A 439 7.36 0.72 -16.72
CA SER A 439 7.40 0.43 -15.28
C SER A 439 7.99 -0.93 -15.00
N TYR A 440 8.11 -1.79 -16.02
CA TYR A 440 8.83 -3.04 -15.83
C TYR A 440 10.34 -2.81 -15.85
N LEU A 441 10.82 -2.11 -16.88
CA LEU A 441 12.25 -1.82 -16.97
C LEU A 441 12.72 -1.02 -15.78
N LEU A 442 11.94 0.01 -15.38
CA LEU A 442 12.27 0.76 -14.19
C LEU A 442 12.27 -0.13 -12.94
N GLY A 443 11.43 -1.16 -12.93
CA GLY A 443 11.46 -2.11 -11.85
C GLY A 443 12.62 -3.06 -11.87
N LEU A 444 13.30 -3.20 -13.01
CA LEU A 444 14.45 -4.10 -13.09
C LEU A 444 15.58 -3.64 -12.20
N THR A 445 15.64 -2.37 -11.85
CA THR A 445 16.65 -1.89 -10.90
C THR A 445 16.45 -2.50 -9.52
N MET A 446 15.26 -2.98 -9.21
CA MET A 446 14.99 -3.67 -7.96
C MET A 446 15.23 -5.17 -8.07
N VAL A 447 15.58 -5.67 -9.25
CA VAL A 447 15.78 -7.09 -9.47
C VAL A 447 17.26 -7.48 -9.42
N THR A 448 18.17 -6.55 -9.70
CA THR A 448 19.59 -6.82 -9.49
C THR A 448 19.84 -7.19 -8.04
N GLU A 449 20.97 -7.84 -7.79
CA GLU A 449 21.20 -8.36 -6.45
C GLU A 449 21.41 -7.25 -5.42
N GLY A 450 21.58 -6.01 -5.86
CA GLY A 450 21.53 -4.88 -4.95
C GLY A 450 20.19 -4.20 -5.02
N GLY A 451 19.20 -4.91 -5.55
CA GLY A 451 17.90 -4.30 -5.77
C GLY A 451 17.06 -4.20 -4.51
N MET A 452 17.45 -4.93 -3.45
CA MET A 452 16.68 -4.87 -2.22
C MET A 452 16.77 -3.48 -1.59
N TYR A 453 17.94 -2.86 -1.67
CA TYR A 453 18.11 -1.51 -1.13
C TYR A 453 17.28 -0.50 -1.91
N VAL A 454 17.23 -0.65 -3.24
CA VAL A 454 16.38 0.22 -4.04
C VAL A 454 14.91 0.00 -3.70
N PHE A 455 14.53 -1.26 -3.46
CA PHE A 455 13.16 -1.54 -3.04
C PHE A 455 12.85 -0.87 -1.71
N GLN A 456 13.80 -0.89 -0.78
CA GLN A 456 13.59 -0.22 0.50
C GLN A 456 13.45 1.28 0.32
N LEU A 457 14.27 1.88 -0.55
CA LEU A 457 14.12 3.30 -0.83
C LEU A 457 12.74 3.62 -1.38
N PHE A 458 12.29 2.83 -2.36
CA PHE A 458 10.97 3.06 -2.94
C PHE A 458 9.87 2.88 -1.90
N ASP A 459 10.00 1.87 -1.05
CA ASP A 459 8.97 1.61 -0.04
C ASP A 459 8.92 2.74 0.98
N TYR A 460 10.07 3.22 1.42
CA TYR A 460 10.10 4.24 2.47
C TYR A 460 9.78 5.63 1.95
N TYR A 461 10.08 5.92 0.69
CA TYR A 461 9.98 7.28 0.18
C TYR A 461 8.93 7.45 -0.92
N ALA A 462 8.91 6.57 -1.92
CA ALA A 462 8.16 6.85 -3.15
C ALA A 462 6.66 6.98 -2.88
N ALA A 463 6.01 5.90 -2.47
CA ALA A 463 4.58 5.90 -2.24
C ALA A 463 4.24 5.81 -0.76
N SER A 464 5.17 6.15 0.11
CA SER A 464 4.94 6.15 1.55
C SER A 464 5.88 7.15 2.18
N GLY A 465 5.61 7.48 3.43
CA GLY A 465 6.41 8.47 4.11
C GLY A 465 5.77 9.83 4.08
N VAL A 466 6.59 10.88 4.05
CA VAL A 466 6.09 12.24 4.15
C VAL A 466 5.35 12.69 2.89
N CYS A 467 5.48 11.97 1.77
CA CYS A 467 4.71 12.33 0.58
C CYS A 467 3.23 12.01 0.77
N LEU A 468 2.92 10.85 1.33
CA LEU A 468 1.52 10.51 1.61
C LEU A 468 0.90 11.48 2.60
N LEU A 469 1.67 11.86 3.64
CA LEU A 469 1.19 12.88 4.56
C LEU A 469 0.96 14.21 3.86
N TRP A 470 1.87 14.60 2.97
CA TRP A 470 1.70 15.84 2.21
C TRP A 470 0.38 15.83 1.45
N VAL A 471 0.14 14.76 0.68
CA VAL A 471 -1.06 14.71 -0.16
C VAL A 471 -2.31 14.65 0.70
N ALA A 472 -2.30 13.84 1.77
CA ALA A 472 -3.48 13.72 2.62
C ALA A 472 -3.79 15.04 3.32
N PHE A 473 -2.75 15.72 3.81
CA PHE A 473 -2.96 17.00 4.47
C PHE A 473 -3.54 18.02 3.50
N PHE A 474 -3.05 18.03 2.26
CA PHE A 474 -3.62 18.99 1.33
C PHE A 474 -5.04 18.63 0.90
N GLU A 475 -5.34 17.34 0.75
CA GLU A 475 -6.72 16.93 0.48
C GLU A 475 -7.66 17.42 1.58
N CYS A 476 -7.32 17.11 2.83
CA CYS A 476 -8.17 17.51 3.94
C CYS A 476 -8.21 19.03 4.10
N PHE A 477 -7.11 19.73 3.85
CA PHE A 477 -7.12 21.19 3.93
C PHE A 477 -8.06 21.79 2.90
N VAL A 478 -8.00 21.31 1.66
CA VAL A 478 -8.88 21.82 0.62
C VAL A 478 -10.33 21.52 0.95
N ILE A 479 -10.61 20.31 1.44
CA ILE A 479 -12.00 19.95 1.73
C ILE A 479 -12.54 20.75 2.91
N ALA A 480 -11.77 20.86 4.00
CA ALA A 480 -12.30 21.44 5.22
C ALA A 480 -12.27 22.96 5.18
N TRP A 481 -11.13 23.55 4.82
CA TRP A 481 -10.94 24.98 4.97
C TRP A 481 -11.19 25.78 3.71
N ILE A 482 -11.45 25.13 2.58
CA ILE A 482 -11.74 25.85 1.35
C ILE A 482 -13.14 25.48 0.84
N TYR A 483 -13.35 24.20 0.56
CA TYR A 483 -14.68 23.75 0.14
C TYR A 483 -15.67 23.86 1.28
N GLY A 484 -15.24 23.56 2.50
CA GLY A 484 -16.11 23.65 3.65
C GLY A 484 -16.70 22.32 4.05
N GLY A 485 -16.50 21.93 5.32
CA GLY A 485 -17.01 20.66 5.79
C GLY A 485 -18.53 20.58 5.74
N ASP A 486 -19.20 21.65 6.14
CA ASP A 486 -20.66 21.67 6.11
C ASP A 486 -21.18 21.69 4.67
N ASN A 487 -20.45 22.33 3.77
CA ASN A 487 -20.84 22.32 2.36
C ASN A 487 -20.83 20.91 1.80
N LEU A 488 -19.85 20.10 2.20
CA LEU A 488 -19.77 18.72 1.70
C LEU A 488 -20.70 17.79 2.47
N TYR A 489 -21.02 18.10 3.73
CA TYR A 489 -22.13 17.43 4.38
C TYR A 489 -23.45 17.70 3.67
N ASP A 490 -23.61 18.90 3.11
CA ASP A 490 -24.82 19.17 2.34
C ASP A 490 -24.97 18.19 1.19
N GLY A 491 -23.85 17.79 0.59
CA GLY A 491 -23.91 16.77 -0.44
C GLY A 491 -24.10 15.37 0.12
N ILE A 492 -23.41 15.06 1.22
CA ILE A 492 -23.52 13.71 1.79
C ILE A 492 -24.95 13.42 2.24
N GLU A 493 -25.58 14.40 2.91
CA GLU A 493 -26.92 14.19 3.44
C GLU A 493 -27.89 13.83 2.33
N ASP A 494 -27.71 14.43 1.16
CA ASP A 494 -28.54 14.08 0.00
C ASP A 494 -28.15 12.75 -0.61
N MET A 495 -26.85 12.44 -0.64
CA MET A 495 -26.41 11.21 -1.33
C MET A 495 -26.78 9.97 -0.53
N ILE A 496 -26.59 9.98 0.78
CA ILE A 496 -26.84 8.78 1.57
C ILE A 496 -28.14 8.84 2.36
N GLY A 497 -28.76 10.02 2.49
CA GLY A 497 -30.05 10.13 3.12
C GLY A 497 -30.03 10.62 4.56
N TYR A 498 -28.86 10.82 5.14
CA TYR A 498 -28.77 11.33 6.50
C TYR A 498 -27.43 12.02 6.70
N ARG A 499 -27.44 13.12 7.44
CA ARG A 499 -26.20 13.82 7.75
C ARG A 499 -25.41 13.04 8.79
N PRO A 500 -24.16 12.68 8.52
CA PRO A 500 -23.38 11.94 9.51
C PRO A 500 -23.04 12.81 10.72
N GLY A 501 -22.42 12.17 11.71
CA GLY A 501 -22.05 12.85 12.93
C GLY A 501 -20.92 13.82 12.72
N PRO A 502 -20.56 14.56 13.77
CA PRO A 502 -19.48 15.55 13.66
C PRO A 502 -18.09 14.94 13.54
N TRP A 503 -17.96 13.61 13.68
CA TRP A 503 -16.63 13.00 13.65
C TRP A 503 -15.95 13.20 12.30
N MET A 504 -16.69 13.00 11.21
CA MET A 504 -16.09 13.10 9.88
C MET A 504 -15.56 14.50 9.61
N LYS A 505 -16.34 15.53 9.96
CA LYS A 505 -15.88 16.89 9.72
C LYS A 505 -14.76 17.27 10.68
N TYR A 506 -14.83 16.82 11.94
CA TYR A 506 -13.77 17.13 12.88
C TYR A 506 -12.45 16.48 12.47
N SER A 507 -12.52 15.34 11.78
CA SER A 507 -11.29 14.68 11.35
C SER A 507 -10.58 15.46 10.26
N TRP A 508 -11.33 15.90 9.24
CA TRP A 508 -10.72 16.67 8.17
C TRP A 508 -10.33 18.06 8.65
N ALA A 509 -11.12 18.66 9.54
CA ALA A 509 -10.87 20.03 9.93
C ALA A 509 -9.66 20.15 10.84
N VAL A 510 -9.54 19.26 11.83
CA VAL A 510 -8.52 19.42 12.87
C VAL A 510 -7.62 18.21 12.95
N ILE A 511 -8.20 17.02 13.12
CA ILE A 511 -7.41 15.85 13.50
C ILE A 511 -6.39 15.51 12.43
N THR A 512 -6.84 15.37 11.18
CA THR A 512 -5.93 14.95 10.11
C THR A 512 -4.86 16.00 9.79
N PRO A 513 -5.18 17.27 9.56
CA PRO A 513 -4.10 18.23 9.30
C PRO A 513 -3.11 18.33 10.45
N VAL A 514 -3.60 18.33 11.69
CA VAL A 514 -2.71 18.44 12.84
C VAL A 514 -1.80 17.22 12.92
N LEU A 515 -2.37 16.02 12.75
CA LEU A 515 -1.55 14.81 12.80
C LEU A 515 -0.50 14.82 11.71
N CYS A 516 -0.89 15.19 10.48
CA CYS A 516 0.06 15.17 9.37
C CYS A 516 1.17 16.18 9.57
N VAL A 517 0.83 17.43 9.92
CA VAL A 517 1.87 18.44 10.08
C VAL A 517 2.75 18.11 11.26
N GLY A 518 2.17 17.60 12.36
CA GLY A 518 2.98 17.25 13.51
C GLY A 518 3.97 16.15 13.19
N CYS A 519 3.51 15.09 12.54
CA CYS A 519 4.42 14.01 12.18
C CYS A 519 5.50 14.49 11.22
N PHE A 520 5.13 15.30 10.22
CA PHE A 520 6.11 15.78 9.26
C PHE A 520 7.18 16.63 9.94
N ILE A 521 6.76 17.64 10.70
CA ILE A 521 7.73 18.55 11.31
C ILE A 521 8.54 17.84 12.39
N PHE A 522 7.93 16.90 13.10
CA PHE A 522 8.63 16.20 14.17
C PHE A 522 9.63 15.19 13.62
N SER A 523 9.34 14.63 12.43
CA SER A 523 10.34 13.79 11.77
C SER A 523 11.49 14.63 11.23
N LEU A 524 11.18 15.81 10.68
CA LEU A 524 12.24 16.67 10.18
C LEU A 524 13.11 17.21 11.32
N VAL A 525 12.53 17.43 12.49
CA VAL A 525 13.32 17.94 13.63
C VAL A 525 14.26 16.85 14.13
N LYS A 526 13.71 15.72 14.57
CA LYS A 526 14.52 14.59 15.02
C LYS A 526 14.71 13.61 13.86
N TYR A 527 15.55 14.02 12.91
CA TYR A 527 15.76 13.25 11.70
C TYR A 527 16.78 12.14 11.93
N VAL A 528 16.42 10.93 11.51
CA VAL A 528 17.35 9.79 11.53
C VAL A 528 17.41 9.21 10.11
N PRO A 529 18.60 8.97 9.57
CA PRO A 529 18.68 8.49 8.19
C PRO A 529 18.07 7.12 8.04
N LEU A 530 17.52 6.87 6.84
CA LEU A 530 16.91 5.58 6.56
C LEU A 530 17.96 4.48 6.58
N THR A 531 17.64 3.37 7.24
CA THR A 531 18.53 2.23 7.35
C THR A 531 17.79 0.97 6.92
N TYR A 532 18.53 0.05 6.32
CA TYR A 532 17.98 -1.24 5.92
C TYR A 532 18.43 -2.30 6.92
N ASN A 533 17.47 -2.99 7.52
CA ASN A 533 17.73 -4.04 8.51
C ASN A 533 18.58 -3.51 9.67
N LYS A 534 18.37 -2.24 10.01
CA LYS A 534 18.97 -1.58 11.19
C LYS A 534 20.48 -1.78 11.29
N THR A 535 21.14 -2.12 10.18
CA THR A 535 22.58 -2.27 10.19
C THR A 535 23.21 -1.46 9.05
N TYR A 536 22.54 -1.42 7.91
CA TYR A 536 23.08 -0.77 6.72
C TYR A 536 22.80 0.73 6.78
N VAL A 537 23.85 1.54 6.58
CA VAL A 537 23.74 2.99 6.56
C VAL A 537 23.83 3.44 5.12
N TYR A 538 22.73 4.02 4.62
CA TYR A 538 22.68 4.41 3.21
C TYR A 538 23.68 5.51 2.93
N PRO A 539 24.26 5.54 1.73
CA PRO A 539 25.08 6.70 1.34
C PRO A 539 24.21 7.92 1.16
N ASN A 540 24.86 9.08 1.23
CA ASN A 540 24.13 10.35 1.15
C ASN A 540 23.41 10.49 -0.19
N TRP A 541 24.04 10.03 -1.28
CA TRP A 541 23.39 10.12 -2.58
C TRP A 541 22.15 9.24 -2.67
N ALA A 542 22.14 8.10 -1.97
CA ALA A 542 20.95 7.26 -1.96
C ALA A 542 19.79 7.96 -1.29
N ILE A 543 20.05 8.61 -0.15
CA ILE A 543 19.00 9.38 0.52
C ILE A 543 18.57 10.55 -0.35
N GLY A 544 19.50 11.16 -1.07
CA GLY A 544 19.14 12.20 -2.01
C GLY A 544 18.21 11.70 -3.10
N LEU A 545 18.49 10.51 -3.63
CA LEU A 545 17.61 9.92 -4.64
C LEU A 545 16.24 9.61 -4.06
N GLY A 546 16.18 9.09 -2.84
CA GLY A 546 14.90 8.82 -2.21
C GLY A 546 14.09 10.09 -1.98
N TRP A 547 14.76 11.16 -1.55
CA TRP A 547 14.09 12.44 -1.39
C TRP A 547 13.64 13.00 -2.73
N SER A 548 14.41 12.74 -3.79
CA SER A 548 13.96 13.12 -5.13
C SER A 548 12.70 12.36 -5.52
N LEU A 549 12.63 11.08 -5.18
CA LEU A 549 11.43 10.30 -5.44
C LEU A 549 10.23 10.88 -4.70
N ALA A 550 10.40 11.25 -3.44
CA ALA A 550 9.31 11.87 -2.69
C ALA A 550 8.94 13.22 -3.28
N LEU A 551 9.93 14.02 -3.66
CA LEU A 551 9.68 15.36 -4.16
C LEU A 551 9.03 15.34 -5.53
N SER A 552 9.24 14.29 -6.32
CA SER A 552 8.59 14.19 -7.62
C SER A 552 7.08 14.28 -7.48
N SER A 553 6.53 13.70 -6.43
CA SER A 553 5.10 13.80 -6.17
C SER A 553 4.75 15.01 -5.31
N MET A 554 5.63 15.39 -4.37
CA MET A 554 5.31 16.54 -3.53
C MET A 554 5.22 17.83 -4.32
N LEU A 555 6.13 18.03 -5.28
CA LEU A 555 6.22 19.29 -6.00
C LEU A 555 5.06 19.49 -6.96
N CYS A 556 4.23 18.48 -7.18
CA CYS A 556 3.09 18.64 -8.07
C CYS A 556 2.09 19.64 -7.51
N VAL A 557 1.89 19.64 -6.19
CA VAL A 557 0.93 20.57 -5.59
C VAL A 557 1.33 22.03 -5.80
N PRO A 558 2.57 22.46 -5.50
CA PRO A 558 2.90 23.87 -5.71
C PRO A 558 3.12 24.22 -7.17
N LEU A 559 3.71 23.28 -7.93
CA LEU A 559 4.01 23.55 -9.33
C LEU A 559 2.72 23.77 -10.12
N VAL A 560 1.69 22.96 -9.86
CA VAL A 560 0.42 23.13 -10.56
C VAL A 560 -0.26 24.42 -10.11
N ILE A 561 -0.12 24.79 -8.83
CA ILE A 561 -0.65 26.07 -8.39
C ILE A 561 -0.03 27.21 -9.18
N VAL A 562 1.29 27.18 -9.31
CA VAL A 562 1.99 28.23 -10.06
C VAL A 562 1.54 28.23 -11.51
N ILE A 563 1.40 27.04 -12.11
CA ILE A 563 0.99 26.95 -13.51
C ILE A 563 -0.41 27.54 -13.69
N ARG A 564 -1.36 27.16 -12.83
CA ARG A 564 -2.72 27.67 -12.97
C ARG A 564 -2.78 29.17 -12.75
N LEU A 565 -1.97 29.69 -11.83
CA LEU A 565 -1.90 31.14 -11.66
C LEU A 565 -1.35 31.81 -12.91
N CYS A 566 -0.37 31.18 -13.55
CA CYS A 566 0.18 31.73 -14.79
C CYS A 566 -0.84 31.72 -15.92
N GLN A 567 -1.65 30.67 -16.03
CA GLN A 567 -2.62 30.60 -17.13
C GLN A 567 -3.66 31.70 -17.01
N THR A 568 -4.18 31.95 -15.80
CA THR A 568 -5.19 32.97 -15.60
C THR A 568 -4.57 34.36 -15.68
N GLU A 569 -5.40 35.34 -16.01
CA GLU A 569 -4.98 36.72 -16.14
C GLU A 569 -5.67 37.59 -15.10
N GLY A 570 -5.12 38.77 -14.88
CA GLY A 570 -5.68 39.73 -13.94
C GLY A 570 -4.86 39.86 -12.68
N PRO A 571 -5.36 40.64 -11.73
CA PRO A 571 -4.65 40.77 -10.44
C PRO A 571 -4.67 39.46 -9.66
N PHE A 572 -3.70 39.33 -8.76
CA PHE A 572 -3.47 38.07 -8.06
C PHE A 572 -4.68 37.66 -7.22
N LEU A 573 -5.27 38.61 -6.51
CA LEU A 573 -6.36 38.29 -5.59
C LEU A 573 -7.57 37.73 -6.33
N VAL A 574 -7.96 38.35 -7.44
CA VAL A 574 -9.10 37.82 -8.18
C VAL A 574 -8.73 36.49 -8.83
N ARG A 575 -7.46 36.32 -9.20
CA ARG A 575 -7.02 35.04 -9.77
C ARG A 575 -7.24 33.91 -8.77
N VAL A 576 -6.75 34.08 -7.54
CA VAL A 576 -6.90 33.01 -6.55
C VAL A 576 -8.36 32.85 -6.16
N LYS A 577 -9.12 33.95 -6.07
CA LYS A 577 -10.53 33.82 -5.73
C LYS A 577 -11.30 33.05 -6.80
N TYR A 578 -10.98 33.29 -8.08
CA TYR A 578 -11.67 32.57 -9.14
C TYR A 578 -11.22 31.12 -9.22
N LEU A 579 -9.95 30.85 -8.93
CA LEU A 579 -9.46 29.49 -8.93
C LEU A 579 -9.86 28.70 -7.69
N LEU A 580 -10.42 29.37 -6.68
CA LEU A 580 -10.88 28.69 -5.47
C LEU A 580 -12.38 28.44 -5.47
N THR A 581 -13.06 28.63 -6.60
CA THR A 581 -14.49 28.41 -6.68
C THR A 581 -14.77 27.07 -7.35
N PRO A 582 -15.50 26.16 -6.70
CA PRO A 582 -15.81 24.87 -7.32
C PRO A 582 -16.61 25.05 -8.60
N ARG A 583 -16.33 24.20 -9.59
CA ARG A 583 -17.00 24.26 -10.88
C ARG A 583 -18.15 23.25 -10.93
N GLU A 584 -19.14 23.49 -10.08
CA GLU A 584 -20.37 22.70 -10.01
C GLU A 584 -20.04 21.22 -9.84
N PRO A 585 -19.61 20.79 -8.65
CA PRO A 585 -19.14 19.40 -8.49
C PRO A 585 -20.17 18.35 -8.87
N ASN A 586 -21.42 18.52 -8.46
CA ASN A 586 -22.47 17.55 -8.80
C ASN A 586 -23.26 18.03 -10.02
N ARG A 587 -22.55 18.23 -11.12
CA ARG A 587 -23.16 18.72 -12.36
C ARG A 587 -23.76 17.55 -13.16
N TRP A 588 -24.60 16.78 -12.46
CA TRP A 588 -25.24 15.60 -13.04
C TRP A 588 -26.74 15.70 -12.83
N ALA A 589 -27.49 15.40 -13.89
CA ALA A 589 -28.94 15.36 -13.81
C ALA A 589 -29.52 14.00 -14.19
N VAL A 590 -28.69 13.04 -14.61
CA VAL A 590 -29.19 11.73 -14.99
C VAL A 590 -29.78 11.02 -13.77
N GLU A 591 -29.18 11.23 -12.60
CA GLU A 591 -29.70 10.69 -11.36
C GLU A 591 -30.30 11.81 -10.52
N ARG A 592 -31.10 11.42 -9.53
CA ARG A 592 -31.76 12.38 -8.65
C ARG A 592 -30.71 13.11 -7.83
N GLU A 593 -30.48 14.38 -8.14
CA GLU A 593 -29.46 15.17 -7.48
C GLU A 593 -30.01 16.55 -7.17
N GLY A 594 -29.38 17.21 -6.20
CA GLY A 594 -29.77 18.56 -5.82
C GLY A 594 -28.97 19.64 -6.52
N ALA A 595 -28.19 20.40 -5.76
CA ALA A 595 -27.39 21.47 -6.32
C ALA A 595 -26.19 21.73 -5.42
N THR A 596 -25.22 22.46 -5.97
CA THR A 596 -23.99 22.74 -5.21
C THR A 596 -24.25 23.55 -3.94
N PRO A 597 -25.09 24.61 -3.92
CA PRO A 597 -25.19 25.30 -2.64
C PRO A 597 -26.18 24.65 -1.69
N ABU B . -2.05 0.77 -1.83
CD ABU B . -2.87 -0.13 -2.61
CB ABU B . -2.26 -1.54 -2.59
CG ABU B . -1.73 -1.91 -1.21
C ABU B . -2.80 -2.56 -0.35
O ABU B . -3.86 -1.94 -0.08
OXT ABU B . -2.62 -3.73 0.10
C1 OCT C . -9.15 -12.61 9.36
C2 OCT C . -10.37 -11.77 9.00
C3 OCT C . -10.91 -10.96 10.17
C4 OCT C . -12.09 -10.06 9.80
C5 OCT C . -12.66 -9.30 10.97
C6 OCT C . -13.68 -8.25 10.57
C7 OCT C . -14.87 -8.83 9.81
C8 OCT C . -15.89 -7.76 9.40
C1 D12 D . -1.53 22.20 -15.47
C2 D12 D . -1.48 20.79 -16.03
C3 D12 D . -0.06 20.27 -16.21
C4 D12 D . 0.64 19.92 -14.90
C5 D12 D . 1.82 18.98 -15.09
C6 D12 D . 2.45 18.51 -13.79
C7 D12 D . 3.35 17.30 -13.99
C8 D12 D . 4.32 17.07 -12.84
C9 D12 D . 5.45 16.11 -13.19
C10 D12 D . 6.48 15.96 -12.07
C11 D12 D . 7.82 15.41 -12.54
C12 D12 D . 7.67 14.06 -13.23
C1 OCT E . 6.83 8.05 -12.75
C2 OCT E . 6.41 9.23 -13.61
C3 OCT E . 4.90 9.44 -13.63
C4 OCT E . 4.45 10.41 -14.70
C5 OCT E . 2.99 10.83 -14.57
C6 OCT E . 2.60 11.92 -15.58
C7 OCT E . 1.24 12.56 -15.29
C8 OCT E . 0.87 13.61 -16.33
C1 D12 F . -15.73 31.21 -0.63
C2 D12 F . -14.51 30.28 -0.67
C3 D12 F . -13.39 30.75 0.25
C4 D12 F . -12.06 30.08 -0.09
C5 D12 F . -10.90 30.54 0.79
C6 D12 F . -10.97 30.00 2.22
C7 D12 F . -9.67 30.15 2.99
C8 D12 F . -9.86 30.19 4.50
C9 D12 F . -8.56 30.13 5.28
C10 D12 F . -7.85 28.80 5.17
C11 D12 F . -6.86 28.53 6.31
C12 D12 F . -7.56 28.25 7.63
C1 HEX G . -7.91 -13.80 16.61
C2 HEX G . -7.59 -13.33 18.02
C3 HEX G . -6.59 -14.21 18.73
C4 HEX G . -6.33 -13.80 20.17
C5 HEX G . -5.41 -14.75 20.93
C6 HEX G . -5.10 -14.26 22.34
C1 D12 H . 16.85 -1.33 -17.02
C2 D12 H . 17.82 -1.30 -15.86
C3 D12 H . 18.63 -2.58 -15.73
C4 D12 H . 19.88 -2.42 -14.87
C5 D12 H . 20.77 -3.65 -14.88
C6 D12 H . 22.25 -3.32 -14.70
C7 D12 H . 23.11 -4.55 -14.43
C8 D12 H . 24.60 -4.25 -14.34
C9 D12 H . 25.30 -4.29 -15.69
C10 D12 H . 24.98 -5.54 -16.49
C11 D12 H . 25.61 -6.82 -15.94
C12 D12 H . 27.13 -6.78 -16.00
C1 OCT I . 4.47 34.89 -16.04
C2 OCT I . 4.00 34.39 -17.41
C3 OCT I . 4.49 32.98 -17.72
C4 OCT I . 3.82 32.37 -18.94
C5 OCT I . 3.99 30.85 -19.01
C6 OCT I . 3.15 30.21 -20.10
C7 OCT I . 3.11 28.69 -20.01
C8 OCT I . 2.30 28.06 -21.14
CL CL J . -3.18 -2.02 7.82
NA NA K . -7.17 -8.39 -2.68
NA NA L . -4.46 -2.37 2.89
C1 NAG M . 26.99 -11.55 15.74
C2 NAG M . 26.80 -11.40 17.25
C3 NAG M . 26.68 -9.92 17.64
C4 NAG M . 27.81 -9.09 17.03
C5 NAG M . 27.87 -9.39 15.53
C6 NAG M . 28.96 -8.57 14.85
C7 NAG M . 25.64 -13.38 18.15
C8 NAG M . 24.32 -14.01 18.42
N2 NAG M . 25.62 -12.11 17.70
O3 NAG M . 26.68 -9.82 19.07
O4 NAG M . 27.54 -7.69 17.11
O5 NAG M . 28.10 -10.77 15.32
O6 NAG M . 30.21 -9.03 15.35
O7 NAG M . 26.69 -13.97 18.33
#